data_5KO8
#
_entry.id   5KO8
#
_cell.length_a   152.718
_cell.length_b   152.718
_cell.length_c   87.286
_cell.angle_alpha   90.00
_cell.angle_beta   90.00
_cell.angle_gamma   120.00
#
_symmetry.space_group_name_H-M   'P 64 2 2'
#
loop_
_entity.id
_entity.type
_entity.pdbx_description
1 polymer Nitroreductase
2 non-polymer 'FLAVIN MONONUCLEOTIDE'
3 non-polymer 3-IODO-TYROSINE
4 water water
#
_entity_poly.entity_id   1
_entity_poly.type   'polypeptide(L)'
_entity_poly.pdbx_seq_one_letter_code
;MKQKPAFIPYAGAQFEPEEMLSKSAEYYQFMDHRRTVREFSNRAIPLEVIENIVMTASTAPSGAHKQPWTFVVVSDPQIK
AKIRQAAEKEEFESYNGRMSNEWLEDLQPFGTDWHKPFLEIAPYLIVVFRKAYDVLPDGTQRKNYYVQESVGIACGFLLA
AIHQAGLVALTHTPSPMNFLQKILQRPENERPFLLVPVGYPAEGAMVPDLQRKDKAAVMVVYHHHHHH
;
_entity_poly.pdbx_strand_id   A,B
#
# COMPACT_ATOMS: atom_id res chain seq x y z
N ALA A 6 -26.28 43.41 -0.63
CA ALA A 6 -27.21 42.95 0.39
C ALA A 6 -26.46 42.33 1.57
N PHE A 7 -27.13 42.34 2.73
CA PHE A 7 -26.58 41.79 3.98
C PHE A 7 -27.62 40.91 4.67
N ILE A 8 -27.13 40.02 5.53
CA ILE A 8 -27.98 39.13 6.31
C ILE A 8 -27.46 39.04 7.75
N PRO A 9 -28.32 38.67 8.70
CA PRO A 9 -27.85 38.62 10.09
C PRO A 9 -26.88 37.47 10.30
N TYR A 10 -25.95 37.63 11.24
CA TYR A 10 -25.04 36.55 11.57
C TYR A 10 -25.73 35.48 12.41
N ALA A 11 -25.56 34.23 12.01
CA ALA A 11 -26.25 33.10 12.65
C ALA A 11 -25.26 32.08 13.20
N GLY A 12 -24.35 32.53 14.05
CA GLY A 12 -23.38 31.66 14.68
C GLY A 12 -23.75 31.35 16.11
N ALA A 13 -23.39 30.15 16.56
CA ALA A 13 -23.69 29.73 17.91
C ALA A 13 -22.86 30.53 18.92
N GLN A 14 -23.51 30.98 19.98
CA GLN A 14 -22.86 31.73 21.05
C GLN A 14 -23.08 31.05 22.40
N PHE A 15 -22.05 31.09 23.25
CA PHE A 15 -22.12 30.47 24.58
C PHE A 15 -21.77 31.44 25.69
N GLU A 16 -22.19 31.09 26.90
CA GLU A 16 -21.86 31.88 28.09
C GLU A 16 -20.46 31.52 28.58
N PRO A 17 -19.80 32.45 29.29
CA PRO A 17 -18.38 32.34 29.65
C PRO A 17 -17.92 30.96 30.15
N GLU A 18 -18.75 30.26 30.91
CA GLU A 18 -18.31 28.98 31.47
C GLU A 18 -18.24 27.87 30.42
N GLU A 19 -19.20 27.87 29.49
CA GLU A 19 -19.16 26.93 28.38
C GLU A 19 -17.99 27.24 27.47
N MET A 20 -17.69 28.53 27.35
CA MET A 20 -16.64 29.01 26.48
C MET A 20 -15.27 28.59 26.99
N LEU A 21 -15.07 28.71 28.30
CA LEU A 21 -13.84 28.23 28.94
C LEU A 21 -13.66 26.73 28.74
N SER A 22 -14.69 25.96 29.06
CA SER A 22 -14.58 24.51 28.97
C SER A 22 -14.43 24.06 27.52
N LYS A 23 -15.15 24.71 26.60
CA LYS A 23 -15.03 24.36 25.19
C LYS A 23 -13.64 24.64 24.64
N SER A 24 -13.04 25.75 25.07
CA SER A 24 -11.74 26.15 24.55
C SER A 24 -10.63 25.28 25.14
N ALA A 25 -10.83 24.84 26.38
CA ALA A 25 -9.89 23.94 27.04
C ALA A 25 -9.91 22.55 26.39
N GLU A 26 -11.11 22.06 26.09
CA GLU A 26 -11.25 20.73 25.53
C GLU A 26 -10.76 20.66 24.10
N TYR A 27 -10.96 21.74 23.35
CA TYR A 27 -10.52 21.76 21.96
C TYR A 27 -8.99 21.83 21.91
N TYR A 28 -8.40 22.56 22.86
CA TYR A 28 -6.95 22.60 22.93
C TYR A 28 -6.37 21.20 23.21
N GLN A 29 -6.93 20.51 24.20
CA GLN A 29 -6.47 19.14 24.51
C GLN A 29 -6.66 18.23 23.30
N PHE A 30 -7.78 18.35 22.63
CA PHE A 30 -8.09 17.53 21.47
C PHE A 30 -7.09 17.77 20.34
N MET A 31 -6.82 19.03 20.05
CA MET A 31 -5.93 19.36 18.95
C MET A 31 -4.48 19.09 19.33
N ASP A 32 -4.19 19.10 20.62
CA ASP A 32 -2.83 18.81 21.06
C ASP A 32 -2.48 17.34 20.82
N HIS A 33 -3.51 16.49 20.71
CA HIS A 33 -3.30 15.07 20.39
C HIS A 33 -2.97 14.84 18.93
N ARG A 34 -3.21 15.84 18.09
CA ARG A 34 -2.89 15.71 16.68
C ARG A 34 -1.38 15.63 16.52
N ARG A 35 -0.94 14.69 15.68
CA ARG A 35 0.46 14.58 15.31
C ARG A 35 0.58 14.20 13.85
N THR A 36 1.60 14.75 13.19
CA THR A 36 1.91 14.34 11.83
C THR A 36 2.29 12.87 11.83
N VAL A 37 1.62 12.10 10.98
CA VAL A 37 1.85 10.66 10.91
C VAL A 37 2.37 10.33 9.52
N ARG A 38 3.43 9.53 9.47
CA ARG A 38 4.10 9.20 8.21
C ARG A 38 3.91 7.73 7.81
N GLU A 39 3.29 6.94 8.68
CA GLU A 39 2.99 5.53 8.37
C GLU A 39 1.49 5.31 8.40
N PHE A 40 0.93 5.04 7.22
CA PHE A 40 -0.52 4.93 7.05
C PHE A 40 -1.02 3.50 6.92
N SER A 41 -2.31 3.33 7.24
CA SER A 41 -3.06 2.16 6.83
C SER A 41 -3.66 2.44 5.46
N ASN A 42 -3.76 1.42 4.62
CA ASN A 42 -4.39 1.59 3.32
C ASN A 42 -5.88 1.29 3.39
N ARG A 43 -6.40 1.18 4.61
CA ARG A 43 -7.82 1.00 4.85
C ARG A 43 -8.63 2.08 4.12
N ALA A 44 -9.71 1.64 3.47
CA ALA A 44 -10.49 2.52 2.59
C ALA A 44 -11.32 3.53 3.39
N ILE A 45 -11.56 4.68 2.78
CA ILE A 45 -12.37 5.73 3.36
C ILE A 45 -13.35 6.20 2.31
N PRO A 46 -14.65 6.32 2.67
CA PRO A 46 -15.62 6.79 1.68
C PRO A 46 -15.25 8.15 1.13
N LEU A 47 -15.37 8.32 -0.19
CA LEU A 47 -15.11 9.61 -0.82
C LEU A 47 -15.89 10.74 -0.13
N GLU A 48 -17.10 10.42 0.35
CA GLU A 48 -17.98 11.39 0.98
C GLU A 48 -17.32 12.06 2.20
N VAL A 49 -16.52 11.31 2.94
CA VAL A 49 -15.80 11.86 4.09
C VAL A 49 -14.78 12.89 3.62
N ILE A 50 -14.03 12.55 2.57
CA ILE A 50 -13.03 13.45 2.01
C ILE A 50 -13.69 14.70 1.44
N GLU A 51 -14.82 14.51 0.76
CA GLU A 51 -15.58 15.65 0.25
C GLU A 51 -15.98 16.59 1.38
N ASN A 52 -16.52 16.05 2.46
CA ASN A 52 -16.87 16.85 3.64
C ASN A 52 -15.65 17.61 4.15
N ILE A 53 -14.51 16.92 4.19
CA ILE A 53 -13.28 17.51 4.73
C ILE A 53 -12.80 18.63 3.82
N VAL A 54 -12.81 18.39 2.52
CA VAL A 54 -12.36 19.38 1.56
C VAL A 54 -13.27 20.62 1.56
N MET A 55 -14.58 20.43 1.57
CA MET A 55 -15.48 21.57 1.54
C MET A 55 -15.47 22.30 2.88
N THR A 56 -15.07 21.61 3.95
CA THR A 56 -14.80 22.28 5.20
C THR A 56 -13.58 23.19 5.05
N ALA A 57 -12.54 22.71 4.37
CA ALA A 57 -11.37 23.55 4.13
C ALA A 57 -11.81 24.79 3.36
N SER A 58 -12.73 24.59 2.43
CA SER A 58 -13.15 25.64 1.53
C SER A 58 -14.04 26.68 2.20
N THR A 59 -14.46 26.45 3.45
CA THR A 59 -15.22 27.48 4.17
C THR A 59 -14.33 28.55 4.75
N ALA A 60 -13.02 28.42 4.56
CA ALA A 60 -12.06 29.38 5.13
C ALA A 60 -12.29 30.78 4.59
N PRO A 61 -11.87 31.80 5.38
CA PRO A 61 -11.90 33.15 4.83
C PRO A 61 -10.87 33.29 3.72
N SER A 62 -11.04 34.28 2.86
CA SER A 62 -10.09 34.53 1.78
C SER A 62 -10.13 35.99 1.33
N GLY A 63 -9.00 36.50 0.86
CA GLY A 63 -8.93 37.87 0.39
C GLY A 63 -9.99 38.17 -0.65
N ALA A 64 -10.86 39.13 -0.33
CA ALA A 64 -11.92 39.58 -1.23
C ALA A 64 -12.86 38.44 -1.62
N HIS A 65 -12.92 37.41 -0.78
CA HIS A 65 -13.78 36.26 -1.03
C HIS A 65 -13.49 35.61 -2.39
N LYS A 66 -12.21 35.54 -2.76
CA LYS A 66 -11.85 34.92 -4.03
C LYS A 66 -11.74 33.40 -3.92
N GLN A 67 -11.59 32.89 -2.69
CA GLN A 67 -11.35 31.47 -2.44
C GLN A 67 -10.35 30.94 -3.47
N PRO A 68 -9.13 31.50 -3.44
CA PRO A 68 -8.10 31.28 -4.47
C PRO A 68 -7.43 29.92 -4.33
N TRP A 69 -8.21 28.85 -4.42
CA TRP A 69 -7.66 27.52 -4.20
C TRP A 69 -8.36 26.45 -5.02
N THR A 70 -7.60 25.39 -5.32
CA THR A 70 -8.15 24.20 -5.93
C THR A 70 -7.62 23.01 -5.13
N PHE A 71 -8.53 22.10 -4.79
CA PHE A 71 -8.19 20.88 -4.07
C PHE A 71 -8.30 19.69 -5.02
N VAL A 72 -7.16 19.05 -5.30
CA VAL A 72 -7.15 17.88 -6.16
C VAL A 72 -7.08 16.64 -5.28
N VAL A 73 -8.15 15.85 -5.30
CA VAL A 73 -8.23 14.63 -4.52
C VAL A 73 -7.86 13.43 -5.39
N VAL A 74 -6.73 12.81 -5.11
CA VAL A 74 -6.24 11.67 -5.88
C VAL A 74 -6.36 10.35 -5.12
N SER A 75 -7.15 9.43 -5.67
CA SER A 75 -7.23 8.06 -5.14
C SER A 75 -6.73 7.06 -6.20
N ASP A 76 -6.56 7.53 -7.43
CA ASP A 76 -6.12 6.68 -8.52
C ASP A 76 -4.71 6.15 -8.26
N PRO A 77 -4.57 4.82 -8.05
CA PRO A 77 -3.25 4.30 -7.64
C PRO A 77 -2.13 4.48 -8.67
N GLN A 78 -2.47 4.61 -9.95
CA GLN A 78 -1.46 4.83 -10.96
C GLN A 78 -0.89 6.24 -10.86
N ILE A 79 -1.76 7.23 -10.68
CA ILE A 79 -1.31 8.61 -10.51
C ILE A 79 -0.51 8.74 -9.23
N LYS A 80 -0.99 8.11 -8.15
CA LYS A 80 -0.26 8.12 -6.89
C LYS A 80 1.11 7.49 -7.06
N ALA A 81 1.18 6.41 -7.85
CA ALA A 81 2.46 5.77 -8.13
C ALA A 81 3.42 6.72 -8.83
N LYS A 82 2.93 7.41 -9.86
CA LYS A 82 3.76 8.35 -10.62
C LYS A 82 4.19 9.54 -9.77
N ILE A 83 3.30 10.02 -8.92
CA ILE A 83 3.61 11.10 -8.00
C ILE A 83 4.71 10.67 -7.04
N ARG A 84 4.57 9.48 -6.44
CA ARG A 84 5.56 9.00 -5.49
C ARG A 84 6.93 8.85 -6.14
N GLN A 85 6.94 8.34 -7.36
CA GLN A 85 8.18 8.16 -8.11
C GLN A 85 8.88 9.50 -8.33
N ALA A 86 8.14 10.50 -8.80
CA ALA A 86 8.74 11.81 -9.06
C ALA A 86 9.21 12.46 -7.76
N ALA A 87 8.39 12.36 -6.72
CA ALA A 87 8.74 12.92 -5.40
C ALA A 87 9.98 12.26 -4.81
N GLU A 88 10.08 10.94 -4.93
CA GLU A 88 11.21 10.24 -4.37
C GLU A 88 12.49 10.60 -5.11
N LYS A 89 12.38 10.91 -6.40
CA LYS A 89 13.54 11.27 -7.21
C LYS A 89 14.11 12.63 -6.81
N GLU A 90 13.25 13.63 -6.66
CA GLU A 90 13.67 14.96 -6.20
C GLU A 90 14.41 14.91 -4.88
N GLU A 91 13.86 14.18 -3.94
CA GLU A 91 14.40 14.11 -2.58
C GLU A 91 15.73 13.42 -2.54
N PHE A 92 15.90 12.43 -3.42
CA PHE A 92 17.15 11.72 -3.51
C PHE A 92 18.27 12.70 -3.79
N GLU A 93 18.05 13.62 -4.72
CA GLU A 93 19.02 14.64 -5.06
C GLU A 93 19.21 15.64 -3.93
N SER A 94 18.13 15.94 -3.21
CA SER A 94 18.17 16.91 -2.11
C SER A 94 18.92 16.38 -0.88
N TYR A 95 18.78 15.09 -0.60
CA TYR A 95 19.40 14.49 0.58
C TYR A 95 20.92 14.28 0.41
N ASN A 96 21.45 14.64 -0.75
CA ASN A 96 22.89 14.62 -0.96
C ASN A 96 23.33 15.72 -1.92
N GLY A 97 23.23 16.96 -1.45
CA GLY A 97 23.58 18.13 -2.23
C GLY A 97 22.68 19.31 -1.91
N ASN A 101 23.48 21.73 4.64
CA ASN A 101 23.93 21.02 5.82
C ASN A 101 23.23 21.47 7.07
N GLU A 102 22.88 22.76 7.11
CA GLU A 102 22.06 23.31 8.18
C GLU A 102 20.78 22.50 8.24
N TRP A 103 20.21 22.28 7.06
CA TRP A 103 18.98 21.53 6.88
C TRP A 103 19.05 20.14 7.49
N LEU A 104 20.09 19.39 7.11
CA LEU A 104 20.22 18.00 7.51
C LEU A 104 20.29 17.86 9.03
N GLU A 105 20.89 18.84 9.71
CA GLU A 105 20.94 18.83 11.16
C GLU A 105 19.55 19.08 11.75
N ASP A 106 18.78 19.94 11.10
CA ASP A 106 17.43 20.24 11.56
C ASP A 106 16.47 19.06 11.35
N LEU A 107 16.79 18.20 10.38
CA LEU A 107 15.91 17.09 10.01
C LEU A 107 16.18 15.79 10.78
N GLN A 108 17.27 15.76 11.55
CA GLN A 108 17.70 14.53 12.23
C GLN A 108 16.63 13.87 13.11
N PRO A 109 15.88 14.66 13.90
CA PRO A 109 14.96 13.98 14.84
C PRO A 109 13.72 13.32 14.21
N PHE A 110 13.49 13.53 12.91
CA PHE A 110 12.28 13.01 12.27
C PHE A 110 12.51 11.66 11.60
N GLY A 111 13.77 11.33 11.35
CA GLY A 111 14.14 10.02 10.80
C GLY A 111 13.53 9.74 9.44
N THR A 112 13.48 10.75 8.59
CA THR A 112 12.95 10.60 7.24
C THR A 112 14.06 10.38 6.23
N ASP A 113 13.82 9.45 5.30
CA ASP A 113 14.68 9.21 4.16
C ASP A 113 14.09 9.90 2.95
N TRP A 114 14.63 9.60 1.78
CA TRP A 114 14.01 10.05 0.54
C TRP A 114 12.87 9.09 0.14
N HIS A 115 12.65 8.05 0.94
CA HIS A 115 11.56 7.09 0.70
C HIS A 115 10.20 7.67 1.07
N LYS A 116 9.18 7.36 0.27
CA LYS A 116 7.83 7.90 0.49
C LYS A 116 6.74 6.91 0.12
N PRO A 117 6.70 5.77 0.81
CA PRO A 117 5.67 4.79 0.49
C PRO A 117 4.29 5.29 0.87
N PHE A 118 4.22 6.26 1.77
CA PHE A 118 2.93 6.80 2.19
C PHE A 118 2.18 7.44 1.02
N LEU A 119 2.90 7.83 -0.03
CA LEU A 119 2.26 8.48 -1.17
C LEU A 119 1.40 7.51 -1.99
N GLU A 120 1.62 6.22 -1.82
CA GLU A 120 0.78 5.20 -2.46
C GLU A 120 -0.14 4.49 -1.46
N ILE A 121 0.33 4.36 -0.22
CA ILE A 121 -0.40 3.62 0.80
C ILE A 121 -1.59 4.43 1.31
N ALA A 122 -1.41 5.72 1.52
CA ALA A 122 -2.52 6.58 1.91
C ALA A 122 -3.61 6.46 0.86
N PRO A 123 -4.86 6.21 1.28
CA PRO A 123 -5.95 6.06 0.31
C PRO A 123 -6.24 7.32 -0.50
N TYR A 124 -5.96 8.49 0.07
CA TYR A 124 -6.14 9.74 -0.64
C TYR A 124 -4.93 10.65 -0.49
N LEU A 125 -4.57 11.29 -1.60
CA LEU A 125 -3.67 12.43 -1.59
C LEU A 125 -4.49 13.66 -1.90
N ILE A 126 -4.44 14.64 -1.01
CA ILE A 126 -5.06 15.93 -1.29
C ILE A 126 -3.97 16.90 -1.68
N VAL A 127 -3.98 17.31 -2.95
CA VAL A 127 -2.99 18.22 -3.48
C VAL A 127 -3.62 19.60 -3.59
N VAL A 128 -3.09 20.54 -2.82
CA VAL A 128 -3.66 21.87 -2.74
C VAL A 128 -2.93 22.79 -3.70
N PHE A 129 -3.71 23.44 -4.56
CA PHE A 129 -3.21 24.47 -5.47
C PHE A 129 -3.69 25.86 -5.08
N ARG A 130 -2.80 26.84 -5.24
CA ARG A 130 -3.16 28.25 -5.08
C ARG A 130 -3.42 28.88 -6.44
N LYS A 131 -4.33 29.85 -6.48
CA LYS A 131 -4.68 30.57 -7.70
C LYS A 131 -4.25 32.02 -7.60
N ALA A 132 -3.18 32.36 -8.32
CA ALA A 132 -2.68 33.73 -8.36
C ALA A 132 -3.74 34.68 -8.92
N TYR A 133 -4.49 34.21 -9.91
CA TYR A 133 -5.53 35.02 -10.53
C TYR A 133 -6.62 34.12 -11.08
N ASP A 134 -7.76 34.71 -11.37
CA ASP A 134 -8.86 34.02 -12.05
C ASP A 134 -8.86 34.41 -13.51
N VAL A 135 -9.23 33.46 -14.37
CA VAL A 135 -9.38 33.72 -15.80
C VAL A 135 -10.86 33.74 -16.14
N LEU A 136 -11.38 34.93 -16.40
CA LEU A 136 -12.76 35.08 -16.83
C LEU A 136 -13.01 34.32 -18.13
N PRO A 137 -14.29 34.13 -18.50
CA PRO A 137 -14.53 33.46 -19.79
C PRO A 137 -14.10 34.31 -20.99
N ASP A 138 -13.70 35.55 -20.74
CA ASP A 138 -13.24 36.44 -21.81
C ASP A 138 -11.79 36.17 -22.18
N GLY A 139 -11.09 35.42 -21.33
CA GLY A 139 -9.66 35.21 -21.47
C GLY A 139 -8.90 36.18 -20.58
N THR A 140 -9.59 37.22 -20.13
CA THR A 140 -9.00 38.25 -19.28
C THR A 140 -8.67 37.71 -17.88
N GLN A 141 -7.70 38.36 -17.24
CA GLN A 141 -7.23 37.95 -15.92
C GLN A 141 -7.70 38.93 -14.84
N ARG A 142 -8.07 38.38 -13.69
CA ARG A 142 -8.47 39.19 -12.53
C ARG A 142 -7.75 38.69 -11.28
N LYS A 143 -6.78 39.47 -10.81
CA LYS A 143 -5.87 39.00 -9.78
C LYS A 143 -6.57 38.78 -8.46
N ASN A 144 -6.02 37.85 -7.68
CA ASN A 144 -6.46 37.60 -6.33
C ASN A 144 -5.46 38.22 -5.35
N TYR A 145 -5.88 38.35 -4.10
CA TYR A 145 -5.07 39.06 -3.11
C TYR A 145 -4.84 38.23 -1.85
N TYR A 146 -3.62 38.33 -1.34
CA TYR A 146 -3.19 37.60 -0.15
C TYR A 146 -3.50 36.12 -0.31
N VAL A 147 -3.04 35.57 -1.43
CA VAL A 147 -3.32 34.20 -1.80
C VAL A 147 -2.60 33.23 -0.87
N GLN A 148 -1.33 33.50 -0.59
CA GLN A 148 -0.53 32.66 0.29
C GLN A 148 -1.22 32.48 1.64
N GLU A 149 -1.68 33.59 2.20
CA GLU A 149 -2.30 33.60 3.52
C GLU A 149 -3.62 32.84 3.51
N SER A 150 -4.45 33.13 2.50
CA SER A 150 -5.76 32.53 2.34
C SER A 150 -5.68 31.01 2.22
N VAL A 151 -4.78 30.53 1.38
CA VAL A 151 -4.67 29.10 1.11
C VAL A 151 -4.05 28.40 2.31
N GLY A 152 -3.10 29.07 2.98
CA GLY A 152 -2.55 28.53 4.21
C GLY A 152 -3.65 28.28 5.22
N ILE A 153 -4.52 29.27 5.40
CA ILE A 153 -5.60 29.18 6.36
C ILE A 153 -6.55 28.04 5.99
N ALA A 154 -6.91 27.95 4.71
CA ALA A 154 -7.76 26.86 4.24
C ALA A 154 -7.13 25.50 4.54
N CYS A 155 -5.79 25.44 4.43
CA CYS A 155 -5.07 24.22 4.72
C CYS A 155 -5.15 23.90 6.21
N GLY A 156 -5.17 24.96 7.03
CA GLY A 156 -5.41 24.80 8.45
C GLY A 156 -6.78 24.18 8.72
N PHE A 157 -7.79 24.63 8.00
CA PHE A 157 -9.14 24.09 8.15
C PHE A 157 -9.16 22.63 7.69
N LEU A 158 -8.47 22.36 6.59
CA LEU A 158 -8.38 20.99 6.08
C LEU A 158 -7.89 20.03 7.14
N LEU A 159 -6.79 20.41 7.78
CA LEU A 159 -6.16 19.54 8.78
C LEU A 159 -7.00 19.44 10.05
N ALA A 160 -7.66 20.53 10.42
CA ALA A 160 -8.55 20.51 11.58
C ALA A 160 -9.70 19.55 11.32
N ALA A 161 -10.19 19.55 10.08
CA ALA A 161 -11.29 18.68 9.71
C ALA A 161 -10.85 17.22 9.65
N ILE A 162 -9.64 16.98 9.16
CA ILE A 162 -9.09 15.63 9.13
C ILE A 162 -9.01 15.07 10.55
N HIS A 163 -8.49 15.86 11.47
CA HIS A 163 -8.38 15.43 12.86
C HIS A 163 -9.76 15.18 13.48
N GLN A 164 -10.69 16.11 13.23
CA GLN A 164 -12.06 15.98 13.74
C GLN A 164 -12.70 14.66 13.28
N ALA A 165 -12.34 14.25 12.08
CA ALA A 165 -12.88 13.03 11.48
C ALA A 165 -12.20 11.76 12.02
N GLY A 166 -11.15 11.92 12.82
CA GLY A 166 -10.46 10.78 13.40
C GLY A 166 -9.41 10.21 12.47
N LEU A 167 -9.02 10.99 11.46
CA LEU A 167 -7.98 10.58 10.53
C LEU A 167 -6.66 11.25 10.84
N VAL A 168 -5.62 10.87 10.11
CA VAL A 168 -4.32 11.49 10.24
C VAL A 168 -3.83 11.92 8.88
N ALA A 169 -2.79 12.75 8.89
CA ALA A 169 -2.26 13.31 7.67
C ALA A 169 -0.77 13.58 7.82
N LEU A 170 -0.14 13.78 6.66
CA LEU A 170 1.23 14.27 6.62
C LEU A 170 1.28 15.50 5.72
N THR A 171 1.55 16.66 6.32
CA THR A 171 1.71 17.89 5.55
C THR A 171 3.05 17.83 4.84
N HIS A 172 3.03 17.78 3.52
CA HIS A 172 4.25 17.57 2.73
C HIS A 172 4.47 18.71 1.72
N THR A 173 5.74 19.03 1.48
CA THR A 173 6.09 20.05 0.49
CA THR A 173 6.12 20.03 0.50
C THR A 173 5.59 19.64 -0.88
N PRO A 174 5.19 20.63 -1.71
CA PRO A 174 4.67 20.31 -3.04
C PRO A 174 5.76 20.00 -4.08
N SER A 175 6.74 19.17 -3.71
CA SER A 175 7.82 18.78 -4.62
C SER A 175 7.53 17.39 -5.20
N PRO A 176 7.73 17.21 -6.52
CA PRO A 176 8.24 18.18 -7.51
C PRO A 176 7.15 19.10 -8.02
N MET A 177 7.34 20.40 -7.87
CA MET A 177 6.34 21.38 -8.26
C MET A 177 5.85 21.20 -9.70
N ASN A 178 6.79 21.19 -10.65
CA ASN A 178 6.43 21.09 -12.05
C ASN A 178 5.67 19.81 -12.36
N PHE A 179 6.12 18.71 -11.78
CA PHE A 179 5.52 17.42 -12.10
C PHE A 179 4.09 17.33 -11.60
N LEU A 180 3.86 17.82 -10.39
CA LEU A 180 2.52 17.82 -9.82
C LEU A 180 1.57 18.59 -10.70
N GLN A 181 2.02 19.74 -11.19
CA GLN A 181 1.23 20.56 -12.08
C GLN A 181 0.92 19.84 -13.40
N LYS A 182 1.92 19.14 -13.93
CA LYS A 182 1.75 18.43 -15.19
C LYS A 182 0.78 17.26 -15.07
N ILE A 183 1.09 16.32 -14.18
CA ILE A 183 0.32 15.07 -14.13
C ILE A 183 -1.13 15.31 -13.70
N LEU A 184 -1.34 16.35 -12.89
CA LEU A 184 -2.69 16.71 -12.47
C LEU A 184 -3.31 17.75 -13.40
N GLN A 185 -2.53 18.18 -14.41
CA GLN A 185 -3.06 18.97 -15.52
C GLN A 185 -3.76 20.25 -15.07
N ARG A 186 -3.13 21.01 -14.18
CA ARG A 186 -3.74 22.22 -13.67
C ARG A 186 -3.28 23.43 -14.49
N PRO A 187 -4.19 24.40 -14.71
CA PRO A 187 -3.90 25.52 -15.60
C PRO A 187 -2.82 26.46 -15.06
N GLU A 188 -2.47 27.44 -15.89
CA GLU A 188 -1.33 28.31 -15.62
C GLU A 188 -1.51 29.21 -14.41
N ASN A 189 -2.74 29.58 -14.10
CA ASN A 189 -3.00 30.46 -12.95
C ASN A 189 -2.88 29.72 -11.62
N GLU A 190 -2.67 28.41 -11.69
CA GLU A 190 -2.52 27.58 -10.49
C GLU A 190 -1.07 27.13 -10.27
N ARG A 191 -0.67 27.07 -9.00
CA ARG A 191 0.61 26.49 -8.62
C ARG A 191 0.43 25.57 -7.41
N PRO A 192 1.17 24.45 -7.36
CA PRO A 192 1.09 23.56 -6.18
C PRO A 192 1.44 24.28 -4.89
N PHE A 193 0.66 24.06 -3.83
CA PHE A 193 0.88 24.72 -2.54
C PHE A 193 1.32 23.70 -1.49
N LEU A 194 0.55 22.63 -1.35
CA LEU A 194 0.86 21.57 -0.40
C LEU A 194 0.38 20.22 -0.89
N LEU A 195 1.04 19.18 -0.38
CA LEU A 195 0.71 17.81 -0.66
C LEU A 195 0.34 17.15 0.67
N VAL A 196 -0.87 16.59 0.76
CA VAL A 196 -1.40 16.10 2.03
C VAL A 196 -2.00 14.70 1.86
N PRO A 197 -1.19 13.65 2.10
CA PRO A 197 -1.77 12.31 2.18
C PRO A 197 -2.66 12.17 3.39
N VAL A 198 -3.77 11.46 3.23
CA VAL A 198 -4.76 11.30 4.27
C VAL A 198 -5.16 9.84 4.41
N GLY A 199 -5.30 9.39 5.65
CA GLY A 199 -5.82 8.05 5.91
C GLY A 199 -5.88 7.71 7.38
N TYR A 200 -6.27 6.47 7.66
CA TYR A 200 -6.09 5.90 8.99
C TYR A 200 -4.60 5.74 9.27
N PRO A 201 -4.21 5.86 10.55
CA PRO A 201 -2.83 5.58 10.91
C PRO A 201 -2.56 4.07 10.91
N ALA A 202 -1.35 3.66 10.56
CA ALA A 202 -0.94 2.27 10.73
C ALA A 202 -1.13 1.88 12.19
N GLU A 203 -1.50 0.63 12.44
CA GLU A 203 -1.81 0.16 13.79
C GLU A 203 -0.71 0.49 14.80
N GLY A 204 0.53 0.20 14.43
CA GLY A 204 1.65 0.47 15.33
C GLY A 204 2.41 1.74 14.99
N ALA A 205 1.67 2.79 14.63
CA ALA A 205 2.30 4.02 14.14
C ALA A 205 3.04 4.75 15.24
N MET A 206 4.29 5.09 14.94
CA MET A 206 5.14 5.83 15.84
C MET A 206 5.36 7.24 15.31
N VAL A 207 5.51 8.20 16.22
CA VAL A 207 5.83 9.57 15.86
C VAL A 207 7.07 10.01 16.65
N PRO A 208 7.81 10.99 16.12
CA PRO A 208 8.95 11.55 16.86
C PRO A 208 8.53 12.09 18.22
N ASP A 209 9.37 11.92 19.23
CA ASP A 209 9.05 12.40 20.57
C ASP A 209 9.36 13.88 20.72
N LEU A 210 8.53 14.72 20.10
CA LEU A 210 8.76 16.16 20.07
C LEU A 210 7.99 16.86 21.16
N GLN A 211 8.45 18.06 21.52
CA GLN A 211 7.76 18.90 22.46
C GLN A 211 7.49 20.24 21.81
N ARG A 212 6.25 20.71 21.93
CA ARG A 212 5.87 22.00 21.36
C ARG A 212 6.31 23.10 22.29
N LYS A 213 6.43 24.31 21.76
CA LYS A 213 6.85 25.46 22.54
C LYS A 213 5.82 25.77 23.60
N ASP A 214 6.29 26.30 24.72
CA ASP A 214 5.43 26.71 25.82
C ASP A 214 4.84 28.09 25.54
N LYS A 215 3.86 28.48 26.34
CA LYS A 215 3.19 29.78 26.18
C LYS A 215 4.18 30.93 26.02
N ALA A 216 5.18 30.95 26.88
CA ALA A 216 6.10 32.09 26.95
C ALA A 216 6.94 32.23 25.66
N ALA A 217 7.19 31.13 24.97
CA ALA A 217 7.97 31.16 23.73
C ALA A 217 7.13 31.47 22.50
N VAL A 218 5.81 31.46 22.66
CA VAL A 218 4.87 31.56 21.56
C VAL A 218 3.98 32.80 21.66
N MET A 219 3.78 33.26 22.89
CA MET A 219 2.73 34.21 23.18
C MET A 219 3.28 35.41 23.95
N VAL A 220 2.88 36.59 23.49
CA VAL A 220 3.20 37.84 24.16
C VAL A 220 1.91 38.60 24.41
N VAL A 221 1.62 38.86 25.69
CA VAL A 221 0.41 39.55 26.08
C VAL A 221 0.69 41.00 26.50
N TYR A 222 -0.03 41.93 25.90
CA TYR A 222 -0.03 43.33 26.34
C TYR A 222 -1.32 43.59 27.11
N HIS A 223 -1.24 43.53 28.44
CA HIS A 223 -2.43 43.66 29.30
C HIS A 223 -3.05 45.05 29.19
N ALA B 6 15.34 -48.22 9.33
CA ALA B 6 14.44 -48.03 10.46
C ALA B 6 13.05 -47.65 10.00
N PHE B 7 12.03 -48.24 10.62
CA PHE B 7 10.63 -48.04 10.25
C PHE B 7 9.76 -47.90 11.50
N ILE B 8 8.63 -47.21 11.34
CA ILE B 8 7.68 -47.02 12.43
C ILE B 8 6.26 -47.22 11.91
N PRO B 9 5.32 -47.56 12.80
CA PRO B 9 3.93 -47.70 12.38
C PRO B 9 3.33 -46.37 11.92
N TYR B 10 2.42 -46.40 10.95
CA TYR B 10 1.76 -45.19 10.53
C TYR B 10 0.65 -44.83 11.49
N ALA B 11 0.75 -43.64 12.08
CA ALA B 11 -0.27 -43.10 12.95
C ALA B 11 -1.09 -42.06 12.20
N GLY B 12 -2.37 -42.37 11.97
CA GLY B 12 -3.23 -41.47 11.22
C GLY B 12 -4.70 -41.64 11.52
N ALA B 13 -5.43 -40.54 11.50
CA ALA B 13 -6.87 -40.55 11.73
C ALA B 13 -7.58 -41.34 10.64
N GLN B 14 -8.63 -42.05 11.02
CA GLN B 14 -9.43 -42.79 10.07
C GLN B 14 -10.91 -42.65 10.41
N PHE B 15 -11.67 -42.17 9.43
CA PHE B 15 -13.10 -41.97 9.60
C PHE B 15 -13.87 -43.08 8.88
N GLU B 16 -15.06 -43.41 9.38
CA GLU B 16 -15.94 -44.30 8.65
C GLU B 16 -16.38 -43.58 7.37
N PRO B 17 -16.88 -44.33 6.38
CA PRO B 17 -17.30 -43.69 5.13
C PRO B 17 -18.40 -42.62 5.31
N GLU B 18 -19.00 -42.57 6.49
CA GLU B 18 -19.99 -41.55 6.81
C GLU B 18 -19.34 -40.20 7.09
N GLU B 19 -18.47 -40.18 8.10
CA GLU B 19 -17.75 -38.97 8.47
C GLU B 19 -16.73 -38.57 7.40
N MET B 20 -16.38 -39.53 6.54
CA MET B 20 -15.42 -39.30 5.47
C MET B 20 -16.06 -38.51 4.33
N LEU B 21 -17.29 -38.86 3.98
CA LEU B 21 -17.98 -38.20 2.88
C LEU B 21 -18.32 -36.75 3.24
N SER B 22 -18.69 -36.52 4.49
CA SER B 22 -19.02 -35.18 4.95
C SER B 22 -17.75 -34.33 4.99
N LYS B 23 -16.69 -34.87 5.60
CA LYS B 23 -15.41 -34.18 5.69
C LYS B 23 -14.95 -33.68 4.33
N SER B 24 -15.06 -34.55 3.33
CA SER B 24 -14.58 -34.24 1.99
C SER B 24 -15.51 -33.26 1.28
N ALA B 25 -16.80 -33.33 1.59
CA ALA B 25 -17.77 -32.41 1.03
C ALA B 25 -17.56 -31.01 1.61
N GLU B 26 -17.41 -30.95 2.93
CA GLU B 26 -17.09 -29.70 3.62
C GLU B 26 -15.84 -29.04 3.07
N TYR B 27 -14.76 -29.83 2.93
CA TYR B 27 -13.47 -29.28 2.56
C TYR B 27 -13.47 -28.76 1.12
N TYR B 28 -14.20 -29.43 0.24
CA TYR B 28 -14.35 -28.95 -1.12
C TYR B 28 -15.03 -27.58 -1.15
N GLN B 29 -16.11 -27.45 -0.39
CA GLN B 29 -16.87 -26.19 -0.32
C GLN B 29 -15.97 -25.10 0.25
N PHE B 30 -15.26 -25.42 1.32
CA PHE B 30 -14.32 -24.48 1.95
C PHE B 30 -13.24 -24.02 0.97
N MET B 31 -12.64 -24.96 0.25
CA MET B 31 -11.55 -24.61 -0.66
C MET B 31 -12.08 -23.89 -1.89
N ASP B 32 -13.33 -24.13 -2.25
CA ASP B 32 -13.92 -23.47 -3.41
C ASP B 32 -14.09 -21.97 -3.16
N HIS B 33 -14.14 -21.57 -1.88
CA HIS B 33 -14.22 -20.15 -1.52
C HIS B 33 -12.91 -19.39 -1.76
N ARG B 34 -11.81 -20.11 -1.97
CA ARG B 34 -10.51 -19.49 -2.17
C ARG B 34 -10.45 -18.79 -3.52
N ARG B 35 -9.97 -17.55 -3.51
CA ARG B 35 -9.76 -16.81 -4.75
C ARG B 35 -8.42 -16.09 -4.71
N THR B 36 -7.77 -16.00 -5.85
CA THR B 36 -6.60 -15.15 -5.99
C THR B 36 -7.02 -13.69 -5.81
N VAL B 37 -6.32 -12.99 -4.92
CA VAL B 37 -6.60 -11.57 -4.65
C VAL B 37 -5.39 -10.74 -5.04
N ARG B 38 -5.65 -9.60 -5.69
CA ARG B 38 -4.59 -8.74 -6.21
C ARG B 38 -4.52 -7.39 -5.50
N GLU B 39 -5.48 -7.12 -4.63
CA GLU B 39 -5.46 -5.92 -3.80
C GLU B 39 -5.44 -6.32 -2.33
N PHE B 40 -4.37 -5.97 -1.65
CA PHE B 40 -4.16 -6.37 -0.27
C PHE B 40 -4.37 -5.22 0.72
N SER B 41 -4.64 -5.58 1.97
CA SER B 41 -4.48 -4.65 3.08
C SER B 41 -3.01 -4.68 3.52
N ASN B 42 -2.49 -3.56 4.01
CA ASN B 42 -1.14 -3.56 4.55
C ASN B 42 -1.14 -3.84 6.05
N ARG B 43 -2.30 -4.27 6.56
CA ARG B 43 -2.44 -4.69 7.95
C ARG B 43 -1.43 -5.78 8.31
N ALA B 44 -0.77 -5.63 9.45
CA ALA B 44 0.35 -6.49 9.80
C ALA B 44 -0.13 -7.87 10.21
N ILE B 45 0.78 -8.85 10.10
CA ILE B 45 0.50 -10.22 10.47
C ILE B 45 1.69 -10.73 11.27
N PRO B 46 1.42 -11.43 12.39
CA PRO B 46 2.53 -12.00 13.17
C PRO B 46 3.39 -12.95 12.34
N LEU B 47 4.71 -12.85 12.48
CA LEU B 47 5.61 -13.69 11.72
C LEU B 47 5.33 -15.16 11.96
N GLU B 48 4.92 -15.51 13.19
CA GLU B 48 4.72 -16.90 13.57
C GLU B 48 3.62 -17.56 12.74
N VAL B 49 2.60 -16.79 12.36
CA VAL B 49 1.57 -17.28 11.45
C VAL B 49 2.22 -17.70 10.13
N ILE B 50 3.09 -16.84 9.61
CA ILE B 50 3.77 -17.11 8.35
C ILE B 50 4.71 -18.30 8.51
N GLU B 51 5.34 -18.40 9.67
CA GLU B 51 6.23 -19.52 9.97
C GLU B 51 5.45 -20.84 9.94
N ASN B 52 4.31 -20.86 10.62
CA ASN B 52 3.41 -22.01 10.58
C ASN B 52 3.01 -22.37 9.15
N ILE B 53 2.67 -21.36 8.35
CA ILE B 53 2.23 -21.57 6.98
C ILE B 53 3.35 -22.19 6.15
N VAL B 54 4.53 -21.60 6.24
CA VAL B 54 5.68 -22.10 5.49
C VAL B 54 6.05 -23.52 5.92
N MET B 55 5.97 -23.78 7.22
CA MET B 55 6.36 -25.09 7.72
C MET B 55 5.30 -26.11 7.34
N THR B 56 4.07 -25.66 7.19
CA THR B 56 3.03 -26.54 6.66
C THR B 56 3.38 -26.92 5.22
N ALA B 57 3.89 -25.95 4.46
CA ALA B 57 4.26 -26.21 3.07
C ALA B 57 5.36 -27.26 3.00
N SER B 58 6.24 -27.22 3.99
CA SER B 58 7.44 -28.04 3.98
C SER B 58 7.17 -29.46 4.47
N THR B 59 5.94 -29.73 4.92
CA THR B 59 5.53 -31.11 5.22
C THR B 59 5.15 -31.86 3.94
N ALA B 60 5.33 -31.23 2.78
CA ALA B 60 4.94 -31.83 1.51
C ALA B 60 5.87 -32.97 1.16
N PRO B 61 5.36 -33.95 0.39
CA PRO B 61 6.26 -34.99 -0.08
C PRO B 61 7.27 -34.42 -1.07
N SER B 62 8.35 -35.14 -1.27
CA SER B 62 9.41 -34.71 -2.17
C SER B 62 10.14 -35.94 -2.66
N GLY B 63 10.67 -35.88 -3.87
CA GLY B 63 11.47 -36.97 -4.40
C GLY B 63 12.63 -37.29 -3.47
N ALA B 64 12.65 -38.54 -2.97
CA ALA B 64 13.75 -39.04 -2.14
C ALA B 64 13.91 -38.26 -0.84
N HIS B 65 12.82 -37.65 -0.37
CA HIS B 65 12.83 -36.89 0.87
C HIS B 65 13.92 -35.80 0.88
N LYS B 66 14.23 -35.27 -0.31
CA LYS B 66 15.22 -34.21 -0.43
C LYS B 66 14.68 -32.85 0.03
N GLN B 67 13.37 -32.66 -0.08
CA GLN B 67 12.73 -31.38 0.26
C GLN B 67 13.44 -30.22 -0.45
N PRO B 68 13.51 -30.29 -1.78
CA PRO B 68 14.35 -29.41 -2.59
C PRO B 68 13.79 -28.01 -2.75
N TRP B 69 13.47 -27.35 -1.64
CA TRP B 69 12.90 -26.03 -1.69
C TRP B 69 13.48 -25.08 -0.65
N THR B 70 13.38 -23.79 -0.93
CA THR B 70 13.66 -22.73 0.04
C THR B 70 12.58 -21.66 -0.05
N PHE B 71 11.96 -21.36 1.09
CA PHE B 71 10.99 -20.28 1.18
C PHE B 71 11.63 -19.02 1.74
N VAL B 72 11.82 -18.02 0.88
CA VAL B 72 12.33 -16.72 1.32
C VAL B 72 11.17 -15.79 1.66
N VAL B 73 10.96 -15.57 2.96
CA VAL B 73 9.92 -14.67 3.42
C VAL B 73 10.46 -13.25 3.53
N VAL B 74 9.84 -12.32 2.81
CA VAL B 74 10.29 -10.94 2.76
C VAL B 74 9.24 -9.99 3.31
N SER B 75 9.59 -9.26 4.37
CA SER B 75 8.70 -8.25 4.96
C SER B 75 9.33 -6.86 4.89
N ASP B 76 10.63 -6.82 4.65
CA ASP B 76 11.37 -5.57 4.56
C ASP B 76 10.87 -4.68 3.41
N PRO B 77 10.32 -3.49 3.72
CA PRO B 77 9.77 -2.61 2.68
C PRO B 77 10.77 -2.22 1.59
N GLN B 78 12.06 -2.18 1.92
CA GLN B 78 13.08 -1.77 0.97
C GLN B 78 13.28 -2.82 -0.13
N ILE B 79 13.43 -4.08 0.28
CA ILE B 79 13.58 -5.18 -0.67
C ILE B 79 12.31 -5.31 -1.51
N LYS B 80 11.16 -5.21 -0.85
CA LYS B 80 9.89 -5.33 -1.53
C LYS B 80 9.78 -4.28 -2.60
N ALA B 81 10.24 -3.07 -2.29
CA ALA B 81 10.22 -1.97 -3.24
C ALA B 81 11.11 -2.30 -4.45
N LYS B 82 12.31 -2.82 -4.19
CA LYS B 82 13.22 -3.17 -5.28
C LYS B 82 12.67 -4.30 -6.15
N ILE B 83 12.08 -5.32 -5.51
CA ILE B 83 11.44 -6.40 -6.26
C ILE B 83 10.34 -5.84 -7.14
N ARG B 84 9.50 -4.98 -6.56
CA ARG B 84 8.40 -4.39 -7.31
C ARG B 84 8.87 -3.68 -8.58
N GLN B 85 9.89 -2.83 -8.44
CA GLN B 85 10.35 -2.02 -9.57
C GLN B 85 10.91 -2.91 -10.67
N ALA B 86 11.61 -3.96 -10.28
CA ALA B 86 12.17 -4.90 -11.24
C ALA B 86 11.07 -5.69 -11.92
N ALA B 87 10.06 -6.09 -11.15
CA ALA B 87 8.93 -6.82 -11.72
C ALA B 87 8.21 -5.95 -12.75
N GLU B 88 7.95 -4.70 -12.38
CA GLU B 88 7.23 -3.78 -13.24
C GLU B 88 8.00 -3.50 -14.53
N LYS B 89 9.32 -3.36 -14.42
CA LYS B 89 10.17 -3.10 -15.58
C LYS B 89 9.98 -4.17 -16.65
N GLU B 90 10.12 -5.44 -16.26
CA GLU B 90 10.02 -6.54 -17.21
C GLU B 90 8.62 -6.66 -17.81
N GLU B 91 7.61 -6.37 -17.02
CA GLU B 91 6.23 -6.53 -17.46
C GLU B 91 5.82 -5.41 -18.40
N PHE B 92 6.43 -4.25 -18.24
CA PHE B 92 6.22 -3.15 -19.17
C PHE B 92 6.70 -3.56 -20.56
N GLU B 93 7.91 -4.08 -20.62
CA GLU B 93 8.52 -4.49 -21.89
C GLU B 93 7.82 -5.70 -22.48
N SER B 94 7.14 -6.47 -21.62
CA SER B 94 6.44 -7.66 -22.08
C SER B 94 5.03 -7.31 -22.58
N TYR B 95 4.34 -6.42 -21.89
CA TYR B 95 3.04 -5.93 -22.36
C TYR B 95 3.20 -5.07 -23.62
N ASN B 96 4.45 -4.79 -23.98
CA ASN B 96 4.77 -3.97 -25.15
C ASN B 96 5.61 -4.74 -26.18
N GLY B 97 5.13 -5.93 -26.56
CA GLY B 97 5.73 -6.68 -27.65
C GLY B 97 6.16 -8.10 -27.34
N ARG B 98 6.93 -8.28 -26.27
CA ARG B 98 7.54 -9.58 -25.98
C ARG B 98 6.49 -10.66 -25.70
N MET B 99 5.38 -10.28 -25.07
CA MET B 99 4.31 -11.24 -24.82
C MET B 99 3.58 -11.57 -26.11
N SER B 100 3.25 -12.85 -26.27
CA SER B 100 2.55 -13.31 -27.45
C SER B 100 1.21 -12.57 -27.59
N ASN B 101 0.79 -12.36 -28.82
CA ASN B 101 -0.45 -11.63 -29.09
C ASN B 101 -1.65 -12.40 -28.54
N GLU B 102 -1.59 -13.72 -28.59
CA GLU B 102 -2.63 -14.57 -28.02
C GLU B 102 -2.61 -14.53 -26.50
N TRP B 103 -1.41 -14.36 -25.94
CA TRP B 103 -1.23 -14.27 -24.49
C TRP B 103 -2.08 -13.12 -23.95
N LEU B 104 -1.89 -11.93 -24.49
CA LEU B 104 -2.62 -10.74 -24.05
C LEU B 104 -4.13 -10.93 -24.13
N GLU B 105 -4.59 -11.65 -25.14
CA GLU B 105 -6.02 -11.90 -25.32
C GLU B 105 -6.62 -12.64 -24.13
N ASP B 106 -5.84 -13.55 -23.55
CA ASP B 106 -6.33 -14.42 -22.49
C ASP B 106 -6.28 -13.74 -21.12
N LEU B 107 -5.67 -12.56 -21.05
CA LEU B 107 -5.50 -11.86 -19.77
C LEU B 107 -6.50 -10.73 -19.59
N GLN B 108 -7.31 -10.48 -20.61
CA GLN B 108 -8.33 -9.43 -20.52
C GLN B 108 -9.34 -9.67 -19.39
N PRO B 109 -9.72 -10.94 -19.15
CA PRO B 109 -10.69 -11.19 -18.07
C PRO B 109 -10.21 -10.76 -16.67
N PHE B 110 -8.90 -10.65 -16.47
CA PHE B 110 -8.35 -10.41 -15.15
C PHE B 110 -8.07 -8.93 -14.92
N GLY B 111 -7.93 -8.17 -16.00
CA GLY B 111 -7.72 -6.75 -15.92
C GLY B 111 -6.40 -6.41 -15.26
N THR B 112 -5.31 -6.94 -15.83
CA THR B 112 -4.00 -6.80 -15.25
C THR B 112 -3.11 -5.87 -16.06
N ASP B 113 -2.55 -4.88 -15.39
CA ASP B 113 -1.60 -3.94 -16.00
C ASP B 113 -0.19 -4.39 -15.67
N TRP B 114 0.78 -3.53 -15.99
CA TRP B 114 2.16 -3.77 -15.59
C TRP B 114 2.41 -3.21 -14.20
N HIS B 115 1.40 -2.57 -13.61
CA HIS B 115 1.51 -2.03 -12.26
C HIS B 115 1.33 -3.13 -11.21
N LYS B 116 2.26 -3.21 -10.27
CA LYS B 116 2.26 -4.26 -9.24
C LYS B 116 2.37 -3.65 -7.86
N PRO B 117 1.41 -2.81 -7.48
CA PRO B 117 1.48 -2.16 -6.17
C PRO B 117 1.46 -3.17 -5.02
N PHE B 118 0.81 -4.31 -5.23
CA PHE B 118 0.67 -5.35 -4.22
C PHE B 118 2.01 -5.93 -3.73
N LEU B 119 3.06 -5.83 -4.54
CA LEU B 119 4.37 -6.34 -4.15
C LEU B 119 5.00 -5.53 -3.02
N GLU B 120 4.45 -4.34 -2.77
CA GLU B 120 4.87 -3.50 -1.65
C GLU B 120 3.83 -3.45 -0.54
N ILE B 121 2.56 -3.39 -0.93
CA ILE B 121 1.48 -3.25 0.03
C ILE B 121 1.35 -4.49 0.91
N ALA B 122 1.32 -5.67 0.30
CA ALA B 122 1.22 -6.91 1.05
C ALA B 122 2.33 -6.98 2.09
N PRO B 123 1.99 -7.38 3.33
CA PRO B 123 3.00 -7.37 4.40
C PRO B 123 4.13 -8.37 4.18
N TYR B 124 3.83 -9.49 3.51
CA TYR B 124 4.83 -10.51 3.24
C TYR B 124 4.84 -10.91 1.77
N LEU B 125 6.05 -11.12 1.25
CA LEU B 125 6.24 -11.80 -0.02
C LEU B 125 6.95 -13.09 0.26
N ILE B 126 6.32 -14.20 -0.09
CA ILE B 126 6.99 -15.49 -0.01
C ILE B 126 7.51 -15.81 -1.40
N VAL B 127 8.82 -15.86 -1.52
CA VAL B 127 9.48 -16.20 -2.77
C VAL B 127 9.98 -17.62 -2.64
N VAL B 128 9.47 -18.50 -3.50
CA VAL B 128 9.84 -19.90 -3.43
C VAL B 128 10.96 -20.18 -4.39
N PHE B 129 11.98 -20.87 -3.90
CA PHE B 129 13.11 -21.30 -4.72
C PHE B 129 13.18 -22.82 -4.78
N ARG B 130 13.53 -23.36 -5.95
CA ARG B 130 13.69 -24.79 -6.14
C ARG B 130 15.18 -25.18 -6.16
N LYS B 131 15.51 -26.28 -5.50
CA LYS B 131 16.90 -26.76 -5.41
C LYS B 131 17.17 -27.89 -6.40
N ALA B 132 17.85 -27.58 -7.49
CA ALA B 132 18.17 -28.57 -8.51
C ALA B 132 19.08 -29.66 -7.94
N TYR B 133 19.89 -29.29 -6.95
CA TYR B 133 20.77 -30.25 -6.28
C TYR B 133 21.19 -29.74 -4.91
N ASP B 134 21.61 -30.68 -4.05
CA ASP B 134 22.12 -30.35 -2.73
C ASP B 134 23.63 -30.21 -2.76
N VAL B 135 24.18 -29.54 -1.75
CA VAL B 135 25.63 -29.36 -1.63
C VAL B 135 26.12 -30.04 -0.36
N LEU B 136 26.71 -31.21 -0.54
CA LEU B 136 27.24 -32.00 0.56
C LEU B 136 28.35 -31.23 1.29
N PRO B 137 28.66 -31.62 2.53
CA PRO B 137 29.75 -30.97 3.27
C PRO B 137 31.08 -31.05 2.52
N ASP B 138 31.22 -32.05 1.66
CA ASP B 138 32.42 -32.25 0.87
C ASP B 138 32.55 -31.20 -0.23
N GLY B 139 31.40 -30.68 -0.67
CA GLY B 139 31.36 -29.74 -1.79
C GLY B 139 31.01 -30.46 -3.08
N THR B 140 30.65 -31.74 -2.97
CA THR B 140 30.19 -32.52 -4.12
C THR B 140 28.70 -32.30 -4.33
N GLN B 141 28.26 -32.39 -5.57
CA GLN B 141 26.87 -32.10 -5.93
C GLN B 141 26.02 -33.38 -5.99
N ARG B 142 25.19 -33.57 -4.96
CA ARG B 142 24.23 -34.67 -4.93
C ARG B 142 22.90 -34.21 -5.53
N LYS B 143 22.60 -34.72 -6.72
CA LYS B 143 21.43 -34.29 -7.48
C LYS B 143 20.11 -34.55 -6.75
N ASN B 144 19.12 -33.70 -7.00
CA ASN B 144 17.75 -33.90 -6.53
C ASN B 144 16.86 -34.33 -7.70
N TYR B 145 15.76 -35.01 -7.40
CA TYR B 145 14.92 -35.58 -8.45
C TYR B 145 13.46 -35.15 -8.38
N TYR B 146 12.86 -34.96 -9.55
CA TYR B 146 11.48 -34.49 -9.69
C TYR B 146 11.25 -33.26 -8.82
N VAL B 147 12.11 -32.26 -9.01
CA VAL B 147 12.12 -31.07 -8.19
C VAL B 147 10.93 -30.17 -8.52
N GLN B 148 10.69 -29.95 -9.80
CA GLN B 148 9.56 -29.14 -10.25
C GLN B 148 8.28 -29.61 -9.60
N GLU B 149 8.02 -30.91 -9.72
CA GLU B 149 6.81 -31.51 -9.17
C GLU B 149 6.76 -31.34 -7.66
N SER B 150 7.89 -31.58 -7.00
CA SER B 150 7.99 -31.51 -5.54
C SER B 150 7.68 -30.12 -5.00
N VAL B 151 8.29 -29.10 -5.61
CA VAL B 151 8.12 -27.73 -5.15
C VAL B 151 6.70 -27.24 -5.42
N GLY B 152 6.19 -27.56 -6.60
CA GLY B 152 4.81 -27.27 -6.93
C GLY B 152 3.83 -27.83 -5.91
N ILE B 153 4.04 -29.08 -5.51
CA ILE B 153 3.19 -29.67 -4.47
C ILE B 153 3.30 -28.88 -3.17
N ALA B 154 4.53 -28.48 -2.81
CA ALA B 154 4.75 -27.71 -1.60
C ALA B 154 4.03 -26.36 -1.67
N CYS B 155 4.07 -25.73 -2.84
CA CYS B 155 3.33 -24.49 -3.05
C CYS B 155 1.83 -24.70 -2.91
N GLY B 156 1.35 -25.87 -3.34
CA GLY B 156 -0.03 -26.23 -3.11
C GLY B 156 -0.34 -26.22 -1.63
N PHE B 157 0.50 -26.89 -0.84
CA PHE B 157 0.33 -26.94 0.60
C PHE B 157 0.40 -25.54 1.22
N LEU B 158 1.30 -24.71 0.70
CA LEU B 158 1.42 -23.33 1.11
C LEU B 158 0.08 -22.61 0.96
N LEU B 159 -0.47 -22.63 -0.25
CA LEU B 159 -1.73 -21.94 -0.52
C LEU B 159 -2.87 -22.48 0.31
N ALA B 160 -2.87 -23.79 0.58
CA ALA B 160 -3.93 -24.37 1.42
C ALA B 160 -3.82 -23.83 2.83
N ALA B 161 -2.59 -23.69 3.33
CA ALA B 161 -2.37 -23.16 4.66
C ALA B 161 -2.77 -21.69 4.73
N ILE B 162 -2.38 -20.92 3.72
CA ILE B 162 -2.74 -19.50 3.67
C ILE B 162 -4.24 -19.34 3.78
N HIS B 163 -4.97 -20.15 3.02
CA HIS B 163 -6.43 -20.10 3.03
C HIS B 163 -7.01 -20.58 4.37
N GLN B 164 -6.39 -21.59 4.98
CA GLN B 164 -6.87 -22.12 6.25
C GLN B 164 -6.74 -21.07 7.35
N ALA B 165 -5.66 -20.31 7.28
CA ALA B 165 -5.40 -19.25 8.25
C ALA B 165 -6.31 -18.04 8.06
N GLY B 166 -7.08 -18.02 6.97
CA GLY B 166 -7.99 -16.93 6.70
C GLY B 166 -7.33 -15.78 5.96
N LEU B 167 -6.14 -16.02 5.41
CA LEU B 167 -5.43 -15.03 4.61
C LEU B 167 -5.67 -15.22 3.12
N VAL B 168 -5.10 -14.33 2.31
CA VAL B 168 -5.19 -14.43 0.86
C VAL B 168 -3.82 -14.21 0.25
N ALA B 169 -3.70 -14.62 -1.00
CA ALA B 169 -2.43 -14.63 -1.69
C ALA B 169 -2.63 -14.43 -3.18
N LEU B 170 -1.55 -14.04 -3.83
CA LEU B 170 -1.50 -13.99 -5.28
C LEU B 170 -0.33 -14.85 -5.75
N THR B 171 -0.63 -15.89 -6.53
CA THR B 171 0.40 -16.70 -7.14
C THR B 171 0.91 -15.95 -8.35
N HIS B 172 2.18 -15.57 -8.32
CA HIS B 172 2.74 -14.68 -9.33
C HIS B 172 4.00 -15.28 -9.94
N THR B 173 4.21 -14.99 -11.23
CA THR B 173 5.38 -15.51 -11.93
CA THR B 173 5.37 -15.50 -11.95
C THR B 173 6.65 -14.93 -11.35
N PRO B 174 7.71 -15.76 -11.26
CA PRO B 174 8.94 -15.26 -10.63
C PRO B 174 9.77 -14.38 -11.58
N SER B 175 9.24 -13.22 -11.95
CA SER B 175 9.92 -12.34 -12.92
C SER B 175 10.44 -11.06 -12.26
N PRO B 176 11.66 -10.63 -12.65
CA PRO B 176 12.66 -11.35 -13.45
C PRO B 176 13.46 -12.31 -12.60
N MET B 177 13.67 -13.52 -13.11
CA MET B 177 14.35 -14.56 -12.36
C MET B 177 15.74 -14.13 -11.91
N ASN B 178 16.50 -13.52 -12.82
CA ASN B 178 17.84 -13.05 -12.49
C ASN B 178 17.86 -12.13 -11.28
N PHE B 179 16.93 -11.17 -11.27
CA PHE B 179 16.88 -10.17 -10.23
C PHE B 179 16.50 -10.78 -8.88
N LEU B 180 15.46 -11.60 -8.86
CA LEU B 180 15.01 -12.23 -7.62
C LEU B 180 16.13 -13.01 -6.97
N GLN B 181 16.83 -13.80 -7.77
CA GLN B 181 17.96 -14.57 -7.27
C GLN B 181 19.07 -13.64 -6.76
N LYS B 182 19.23 -12.52 -7.45
CA LYS B 182 20.28 -11.56 -7.12
C LYS B 182 20.00 -10.87 -5.78
N ILE B 183 18.85 -10.22 -5.66
CA ILE B 183 18.54 -9.43 -4.46
C ILE B 183 18.40 -10.30 -3.23
N LEU B 184 17.86 -11.51 -3.40
CA LEU B 184 17.65 -12.40 -2.27
C LEU B 184 18.87 -13.30 -2.04
N GLN B 185 19.90 -13.10 -2.86
CA GLN B 185 21.21 -13.69 -2.61
C GLN B 185 21.17 -15.20 -2.43
N ARG B 186 20.53 -15.89 -3.36
CA ARG B 186 20.42 -17.34 -3.23
C ARG B 186 21.52 -18.01 -4.04
N PRO B 187 22.07 -19.11 -3.51
CA PRO B 187 23.18 -19.82 -4.17
C PRO B 187 22.80 -20.38 -5.54
N GLU B 188 23.80 -20.82 -6.30
CA GLU B 188 23.61 -21.22 -7.69
C GLU B 188 22.79 -22.50 -7.84
N ASN B 189 22.67 -23.27 -6.75
CA ASN B 189 21.88 -24.50 -6.78
C ASN B 189 20.37 -24.22 -6.66
N GLU B 190 20.01 -22.96 -6.40
CA GLU B 190 18.62 -22.56 -6.30
C GLU B 190 18.19 -21.71 -7.49
N ARG B 191 16.92 -21.80 -7.85
CA ARG B 191 16.32 -20.91 -8.85
C ARG B 191 14.92 -20.50 -8.41
N PRO B 192 14.49 -19.28 -8.76
CA PRO B 192 13.15 -18.83 -8.40
C PRO B 192 12.07 -19.71 -9.02
N PHE B 193 11.05 -20.06 -8.24
CA PHE B 193 9.96 -20.91 -8.72
C PHE B 193 8.66 -20.10 -8.81
N LEU B 194 8.27 -19.49 -7.70
CA LEU B 194 7.09 -18.62 -7.66
C LEU B 194 7.27 -17.47 -6.68
N LEU B 195 6.47 -16.42 -6.89
CA LEU B 195 6.45 -15.25 -6.05
C LEU B 195 5.04 -15.09 -5.48
N VAL B 196 4.92 -15.12 -4.14
CA VAL B 196 3.61 -15.20 -3.50
C VAL B 196 3.40 -14.13 -2.43
N PRO B 197 2.89 -12.94 -2.83
CA PRO B 197 2.48 -11.98 -1.82
C PRO B 197 1.35 -12.53 -0.97
N VAL B 198 1.39 -12.25 0.34
CA VAL B 198 0.39 -12.77 1.28
C VAL B 198 -0.10 -11.66 2.21
N GLY B 199 -1.38 -11.69 2.56
CA GLY B 199 -1.90 -10.78 3.56
C GLY B 199 -3.41 -10.85 3.69
N TYR B 200 -3.98 -9.94 4.47
CA TYR B 200 -5.42 -9.75 4.47
C TYR B 200 -5.82 -9.15 3.12
N PRO B 201 -7.03 -9.45 2.65
CA PRO B 201 -7.51 -8.79 1.44
C PRO B 201 -7.85 -7.34 1.73
N ALA B 202 -7.82 -6.48 0.71
CA ALA B 202 -8.25 -5.09 0.88
C ALA B 202 -9.75 -5.06 1.16
N GLU B 203 -10.17 -4.08 1.96
CA GLU B 203 -11.55 -4.00 2.45
C GLU B 203 -12.61 -4.23 1.36
N GLY B 204 -12.44 -3.57 0.22
CA GLY B 204 -13.36 -3.70 -0.89
C GLY B 204 -12.74 -4.44 -2.07
N ALA B 205 -11.89 -5.41 -1.76
CA ALA B 205 -11.17 -6.15 -2.79
C ALA B 205 -12.12 -6.81 -3.78
N MET B 206 -11.80 -6.68 -5.06
CA MET B 206 -12.61 -7.23 -6.14
C MET B 206 -11.85 -8.33 -6.84
N VAL B 207 -12.56 -9.38 -7.25
CA VAL B 207 -11.98 -10.46 -8.05
C VAL B 207 -12.79 -10.67 -9.32
N PRO B 208 -12.12 -11.06 -10.42
CA PRO B 208 -12.87 -11.31 -11.66
C PRO B 208 -13.92 -12.40 -11.48
N ASP B 209 -14.99 -12.34 -12.27
CA ASP B 209 -16.08 -13.31 -12.17
C ASP B 209 -15.79 -14.51 -13.05
N LEU B 210 -14.89 -15.37 -12.58
CA LEU B 210 -14.47 -16.54 -13.34
C LEU B 210 -15.34 -17.74 -13.02
N GLN B 211 -15.36 -18.70 -13.93
CA GLN B 211 -16.07 -19.95 -13.71
C GLN B 211 -15.07 -21.10 -13.75
N ARG B 212 -14.99 -21.84 -12.66
CA ARG B 212 -14.14 -23.02 -12.61
C ARG B 212 -14.78 -24.18 -13.37
N LYS B 213 -13.94 -25.02 -13.95
CA LYS B 213 -14.42 -26.14 -14.74
C LYS B 213 -15.30 -27.06 -13.91
N ASP B 214 -16.19 -27.78 -14.58
CA ASP B 214 -17.07 -28.72 -13.90
C ASP B 214 -16.45 -30.12 -13.91
N LYS B 215 -16.99 -30.98 -13.04
CA LYS B 215 -16.52 -32.36 -12.88
C LYS B 215 -16.16 -33.01 -14.22
N ALA B 216 -17.04 -32.88 -15.20
CA ALA B 216 -16.85 -33.55 -16.48
C ALA B 216 -15.64 -33.05 -17.27
N ALA B 217 -15.23 -31.80 -17.05
CA ALA B 217 -14.17 -31.19 -17.85
C ALA B 217 -12.76 -31.48 -17.32
N VAL B 218 -12.67 -31.94 -16.08
CA VAL B 218 -11.37 -32.10 -15.41
C VAL B 218 -11.14 -33.52 -14.87
N MET B 219 -12.18 -34.35 -14.92
CA MET B 219 -12.15 -35.65 -14.27
C MET B 219 -12.68 -36.76 -15.17
N VAL B 220 -11.85 -37.76 -15.39
CA VAL B 220 -12.21 -38.96 -16.15
C VAL B 220 -12.15 -40.17 -15.22
N VAL B 221 -13.12 -41.07 -15.36
CA VAL B 221 -13.24 -42.22 -14.46
C VAL B 221 -13.34 -43.56 -15.20
N TYR B 222 -12.31 -44.38 -15.06
CA TYR B 222 -12.34 -45.78 -15.51
C TYR B 222 -12.79 -46.73 -14.40
N HIS B 223 -14.03 -47.22 -14.45
CA HIS B 223 -14.51 -48.19 -13.44
C HIS B 223 -15.26 -49.35 -14.09
#